data_4U1J
#
_entry.id   4U1J
#
_cell.length_a   50.910
_cell.length_b   81.740
_cell.length_c   111.220
_cell.angle_alpha   90.000
_cell.angle_beta   90.000
_cell.angle_gamma   90.000
#
_symmetry.space_group_name_H-M   'P 21 21 21'
#
loop_
_entity.id
_entity.type
_entity.pdbx_description
1 polymer 'HLA class I histocompatibility antigen, B-42 alpha chain'
2 polymer Beta-2-microglobulin
3 polymer 'GAG protein'
4 non-polymer 1,2-ETHANEDIOL
5 water water
#
loop_
_entity_poly.entity_id
_entity_poly.type
_entity_poly.pdbx_seq_one_letter_code
_entity_poly.pdbx_strand_id
1 'polypeptide(L)'
;MGSHSMRYFYTSVSRPGRGEPRFISVGYVDDTQFVRFDSDAASPREEPRAPWIEQEGPEYWDRNTQIYKAQAQTDRESLR
NLRGYYNQSEAGSHTLQSMYGCDVGPDGRLLRGHNQYAYDGKDYIALNEDLRSWTAADTAAQITQRKWEAARVAEQDRAY
LEGTCVEWLRRYLENGKDTLERADPPKTHVTHHPISDHEATLRCWALGFYPAEITLTWQRDGEDQTQDTELVETRPAGDR
TFQKWAAVVVPSGEEQRYTCHVQHEGLPKPLTLRWEPS
;
A
2 'polypeptide(L)'
;MIQRTPKIQVYSRHPAENGKSNFLNCYVSGFHPSDIEVDLLKNGERIEKVEHSDLSFSKDWSFYLLYYTEFTPTEKDEYA
CRVNHVTLSQPKIVKWDRDM
;
B
3 'polypeptide(L)' TPQDLNTML C
#
loop_
_chem_comp.id
_chem_comp.type
_chem_comp.name
_chem_comp.formula
EDO non-polymer 1,2-ETHANEDIOL 'C2 H6 O2'
#
# COMPACT_ATOMS: atom_id res chain seq x y z
N MET A 1 5.74 -20.05 -2.09
CA MET A 1 4.37 -20.29 -1.63
C MET A 1 3.52 -20.83 -2.81
N GLY A 2 3.53 -20.08 -3.93
CA GLY A 2 2.49 -20.21 -4.98
C GLY A 2 1.15 -19.58 -4.53
N SER A 3 1.20 -18.83 -3.47
N SER A 3 1.18 -18.91 -3.39
CA SER A 3 -0.01 -18.44 -2.84
CA SER A 3 -0.03 -18.46 -2.78
C SER A 3 -0.48 -17.08 -3.35
C SER A 3 -0.52 -17.16 -3.43
N HIS A 4 -1.75 -16.84 -3.11
CA HIS A 4 -2.38 -15.60 -3.54
C HIS A 4 -3.24 -15.08 -2.45
N SER A 5 -3.56 -13.80 -2.48
CA SER A 5 -4.44 -13.16 -1.54
CA SER A 5 -4.42 -13.13 -1.50
C SER A 5 -5.43 -12.22 -2.14
N MET A 6 -6.56 -12.06 -1.51
CA MET A 6 -7.48 -10.98 -1.84
C MET A 6 -7.68 -10.19 -0.59
N ARG A 7 -7.68 -8.88 -0.71
CA ARG A 7 -7.90 -8.00 0.40
C ARG A 7 -8.74 -6.83 0.04
N TYR A 8 -9.63 -6.43 0.91
CA TYR A 8 -10.36 -5.16 0.84
C TYR A 8 -9.86 -4.29 1.95
N PHE A 9 -9.67 -3.00 1.66
CA PHE A 9 -9.12 -1.97 2.56
C PHE A 9 -10.10 -0.84 2.65
N TYR A 10 -10.76 -0.61 3.77
CA TYR A 10 -11.74 0.45 3.91
C TYR A 10 -11.21 1.51 4.82
N THR A 11 -11.46 2.78 4.50
CA THR A 11 -11.07 3.91 5.34
C THR A 11 -12.32 4.83 5.45
N SER A 12 -12.77 5.09 6.66
N SER A 12 -12.67 5.20 6.65
CA SER A 12 -13.75 6.12 6.94
CA SER A 12 -13.73 6.14 6.93
C SER A 12 -13.12 7.19 7.81
C SER A 12 -13.16 7.18 7.82
N VAL A 13 -13.38 8.44 7.46
CA VAL A 13 -12.77 9.54 8.18
C VAL A 13 -13.82 10.61 8.49
N SER A 14 -14.04 10.90 9.76
CA SER A 14 -14.95 11.98 10.08
C SER A 14 -14.35 13.33 9.89
N ARG A 15 -15.20 14.34 9.74
CA ARG A 15 -14.76 15.67 9.39
C ARG A 15 -15.84 16.65 9.86
N PRO A 16 -15.92 16.79 11.18
CA PRO A 16 -16.97 17.65 11.76
C PRO A 16 -16.92 19.02 11.16
N GLY A 17 -18.09 19.53 10.80
CA GLY A 17 -18.24 20.79 10.16
C GLY A 17 -18.14 20.82 8.65
N ARG A 18 -17.82 19.67 8.12
CA ARG A 18 -17.50 19.52 6.67
C ARG A 18 -18.22 18.28 6.12
N GLY A 19 -19.41 18.02 6.70
CA GLY A 19 -20.25 16.92 6.21
C GLY A 19 -20.12 15.64 6.98
N GLU A 20 -20.67 14.61 6.43
CA GLU A 20 -20.62 13.28 7.02
C GLU A 20 -19.30 12.62 6.66
N PRO A 21 -18.92 11.53 7.33
CA PRO A 21 -17.62 10.92 7.08
C PRO A 21 -17.48 10.39 5.67
N ARG A 22 -16.33 10.56 5.08
CA ARG A 22 -16.04 9.99 3.76
C ARG A 22 -15.67 8.50 3.91
N PHE A 23 -16.15 7.64 3.05
CA PHE A 23 -15.81 6.24 2.99
C PHE A 23 -15.15 5.95 1.67
N ILE A 24 -13.99 5.32 1.75
CA ILE A 24 -13.19 4.87 0.57
CA ILE A 24 -13.31 4.82 0.55
C ILE A 24 -12.97 3.38 0.73
N SER A 25 -13.13 2.61 -0.34
CA SER A 25 -12.67 1.26 -0.35
CA SER A 25 -12.71 1.21 -0.38
C SER A 25 -11.85 0.98 -1.56
N VAL A 26 -10.84 0.13 -1.39
CA VAL A 26 -10.08 -0.43 -2.50
C VAL A 26 -9.97 -1.93 -2.34
N GLY A 27 -9.95 -2.67 -3.43
CA GLY A 27 -9.75 -4.10 -3.40
C GLY A 27 -8.51 -4.43 -4.15
N TYR A 28 -7.79 -5.45 -3.64
CA TYR A 28 -6.54 -5.96 -4.24
C TYR A 28 -6.58 -7.42 -4.41
N VAL A 29 -5.95 -7.95 -5.45
CA VAL A 29 -5.51 -9.35 -5.52
C VAL A 29 -4.02 -9.20 -5.52
N ASP A 30 -3.34 -9.81 -4.52
CA ASP A 30 -1.90 -9.72 -4.40
C ASP A 30 -1.55 -8.21 -4.40
N ASP A 31 -0.61 -7.81 -5.27
CA ASP A 31 -0.17 -6.40 -5.34
C ASP A 31 -0.91 -5.62 -6.43
N THR A 32 -2.04 -6.14 -6.91
CA THR A 32 -2.79 -5.48 -8.00
C THR A 32 -4.12 -5.01 -7.49
N GLN A 33 -4.34 -3.69 -7.54
CA GLN A 33 -5.62 -3.16 -7.24
C GLN A 33 -6.58 -3.49 -8.32
N PHE A 34 -7.83 -3.79 -8.01
CA PHE A 34 -8.78 -4.10 -9.06
C PHE A 34 -10.11 -3.38 -8.93
N VAL A 35 -10.46 -2.79 -7.79
CA VAL A 35 -11.74 -2.04 -7.68
C VAL A 35 -11.48 -0.90 -6.73
N ARG A 36 -12.37 0.10 -6.82
CA ARG A 36 -12.44 1.18 -5.84
C ARG A 36 -13.88 1.63 -5.67
N PHE A 37 -14.11 2.33 -4.59
CA PHE A 37 -15.37 3.07 -4.33
C PHE A 37 -15.04 4.25 -3.46
N ASP A 38 -15.66 5.38 -3.74
CA ASP A 38 -15.43 6.63 -2.97
C ASP A 38 -16.80 7.30 -2.78
N SER A 39 -17.22 7.45 -1.50
CA SER A 39 -18.45 8.14 -1.24
C SER A 39 -18.48 9.60 -1.61
N ASP A 40 -17.34 10.24 -1.83
CA ASP A 40 -17.31 11.66 -2.26
C ASP A 40 -17.32 11.82 -3.77
N ALA A 41 -17.31 10.73 -4.52
CA ALA A 41 -17.49 10.80 -5.99
C ALA A 41 -18.82 11.40 -6.36
N ALA A 42 -18.83 12.09 -7.49
CA ALA A 42 -20.08 12.68 -7.93
C ALA A 42 -21.23 11.66 -8.03
N SER A 43 -20.92 10.47 -8.54
CA SER A 43 -21.92 9.35 -8.53
C SER A 43 -21.24 8.12 -7.98
N PRO A 44 -21.26 7.95 -6.66
CA PRO A 44 -20.50 6.85 -6.08
C PRO A 44 -20.93 5.49 -6.63
N ARG A 45 -19.92 4.77 -7.10
CA ARG A 45 -20.15 3.47 -7.73
C ARG A 45 -18.87 2.68 -7.55
N GLU A 46 -18.93 1.34 -7.37
CA GLU A 46 -17.74 0.54 -7.54
C GLU A 46 -17.28 0.66 -8.96
N GLU A 47 -15.97 0.85 -9.10
CA GLU A 47 -15.34 1.08 -10.41
C GLU A 47 -14.19 0.13 -10.60
N PRO A 48 -14.07 -0.32 -11.83
CA PRO A 48 -12.95 -1.20 -12.14
C PRO A 48 -11.62 -0.50 -12.18
N ARG A 49 -10.54 -1.14 -11.72
CA ARG A 49 -9.19 -0.58 -11.72
C ARG A 49 -8.18 -1.53 -12.33
N ALA A 50 -8.60 -2.66 -12.87
CA ALA A 50 -7.73 -3.62 -13.61
C ALA A 50 -8.50 -4.06 -14.80
N PRO A 51 -7.85 -4.42 -15.90
CA PRO A 51 -8.59 -4.86 -17.10
C PRO A 51 -9.42 -6.09 -16.95
N TRP A 52 -8.95 -7.08 -16.21
CA TRP A 52 -9.60 -8.38 -16.09
C TRP A 52 -10.90 -8.39 -15.30
N ILE A 53 -11.19 -7.31 -14.54
CA ILE A 53 -12.46 -7.19 -13.84
C ILE A 53 -13.54 -6.49 -14.68
N GLU A 54 -13.14 -5.89 -15.77
CA GLU A 54 -14.15 -5.13 -16.60
C GLU A 54 -15.22 -6.06 -17.14
N GLN A 55 -14.90 -7.33 -17.37
CA GLN A 55 -15.87 -8.31 -17.89
C GLN A 55 -17.02 -8.68 -16.96
N GLU A 56 -16.95 -8.28 -15.68
CA GLU A 56 -18.05 -8.56 -14.79
C GLU A 56 -19.25 -7.75 -15.26
N GLY A 57 -20.41 -8.36 -15.18
CA GLY A 57 -21.61 -7.75 -15.70
C GLY A 57 -22.21 -6.69 -14.78
N PRO A 58 -23.30 -6.05 -15.25
CA PRO A 58 -23.80 -4.93 -14.52
C PRO A 58 -24.33 -5.29 -13.16
N GLU A 59 -24.78 -6.52 -13.00
CA GLU A 59 -25.28 -6.97 -11.72
CA GLU A 59 -25.24 -7.03 -11.70
C GLU A 59 -24.15 -6.92 -10.64
N TYR A 60 -22.92 -7.20 -11.08
CA TYR A 60 -21.76 -7.21 -10.19
C TYR A 60 -21.54 -5.82 -9.62
N TRP A 61 -21.48 -4.83 -10.56
CA TRP A 61 -21.18 -3.50 -10.15
C TRP A 61 -22.34 -2.91 -9.31
N ASP A 62 -23.55 -3.25 -9.71
CA ASP A 62 -24.71 -2.74 -8.97
C ASP A 62 -24.78 -3.33 -7.54
N ARG A 63 -24.59 -4.65 -7.41
CA ARG A 63 -24.60 -5.29 -6.11
C ARG A 63 -23.54 -4.70 -5.22
N ASN A 64 -22.31 -4.57 -5.76
CA ASN A 64 -21.21 -4.14 -4.94
C ASN A 64 -21.36 -2.70 -4.49
N THR A 65 -21.85 -1.87 -5.43
CA THR A 65 -22.14 -0.49 -5.07
C THR A 65 -23.13 -0.40 -3.90
N GLN A 66 -24.16 -1.21 -3.92
CA GLN A 66 -25.06 -1.23 -2.78
C GLN A 66 -24.44 -1.69 -1.47
N ILE A 67 -23.54 -2.64 -1.59
CA ILE A 67 -22.83 -3.12 -0.39
C ILE A 67 -21.97 -1.98 0.19
N TYR A 68 -21.20 -1.27 -0.65
CA TYR A 68 -20.40 -0.17 -0.14
C TYR A 68 -21.22 0.98 0.40
N LYS A 69 -22.35 1.29 -0.19
CA LYS A 69 -23.18 2.37 0.35
C LYS A 69 -23.69 1.98 1.73
N ALA A 70 -24.06 0.73 1.89
CA ALA A 70 -24.51 0.29 3.24
C ALA A 70 -23.37 0.28 4.21
N GLN A 71 -22.21 -0.15 3.76
CA GLN A 71 -21.04 -0.13 4.60
C GLN A 71 -20.63 1.24 5.07
N ALA A 72 -20.73 2.23 4.19
CA ALA A 72 -20.44 3.58 4.58
C ALA A 72 -21.36 4.03 5.69
N GLN A 73 -22.62 3.69 5.58
CA GLN A 73 -23.56 4.05 6.64
C GLN A 73 -23.18 3.34 7.98
N THR A 74 -22.90 2.04 7.90
CA THR A 74 -22.50 1.28 9.12
C THR A 74 -21.25 1.92 9.73
N ASP A 75 -20.29 2.30 8.93
CA ASP A 75 -19.07 2.91 9.43
C ASP A 75 -19.38 4.26 10.11
N ARG A 76 -20.33 5.03 9.62
CA ARG A 76 -20.72 6.25 10.28
C ARG A 76 -21.28 5.97 11.67
N GLU A 77 -22.09 4.93 11.81
N GLU A 77 -22.08 4.92 11.79
CA GLU A 77 -22.59 4.56 13.15
CA GLU A 77 -22.60 4.47 13.11
C GLU A 77 -21.43 4.04 14.03
C GLU A 77 -21.44 4.02 14.02
N SER A 78 -20.51 3.27 13.45
CA SER A 78 -19.33 2.78 14.18
C SER A 78 -18.52 3.98 14.69
N LEU A 79 -18.26 4.98 13.87
CA LEU A 79 -17.47 6.14 14.30
C LEU A 79 -18.17 6.83 15.45
N ARG A 80 -19.49 6.99 15.41
CA ARG A 80 -20.22 7.60 16.55
C ARG A 80 -20.04 6.77 17.81
N ASN A 81 -20.17 5.48 17.65
CA ASN A 81 -20.07 4.58 18.83
C ASN A 81 -18.64 4.64 19.42
N LEU A 82 -17.65 4.66 18.56
CA LEU A 82 -16.27 4.71 19.03
C LEU A 82 -15.95 5.98 19.73
N ARG A 83 -16.45 7.11 19.25
CA ARG A 83 -16.21 8.35 19.94
C ARG A 83 -16.75 8.22 21.36
N GLY A 84 -17.90 7.63 21.57
CA GLY A 84 -18.42 7.42 22.89
C GLY A 84 -17.62 6.46 23.73
N TYR A 85 -17.15 5.38 23.16
CA TYR A 85 -16.36 4.40 23.91
C TYR A 85 -15.08 5.00 24.44
N TYR A 86 -14.56 6.03 23.80
CA TYR A 86 -13.35 6.73 24.24
C TYR A 86 -13.59 8.01 24.90
N ASN A 87 -14.85 8.37 25.19
CA ASN A 87 -15.21 9.61 25.82
C ASN A 87 -14.73 10.81 25.04
N GLN A 88 -14.73 10.79 23.73
CA GLN A 88 -14.13 11.83 22.90
C GLN A 88 -15.14 12.90 22.49
N SER A 89 -14.61 14.08 22.26
CA SER A 89 -15.40 15.22 21.81
C SER A 89 -15.99 15.02 20.41
N GLU A 90 -17.09 15.70 20.11
CA GLU A 90 -17.62 15.67 18.77
C GLU A 90 -16.81 16.60 17.87
N ALA A 91 -15.85 17.37 18.40
CA ALA A 91 -15.11 18.36 17.56
C ALA A 91 -13.99 17.79 16.74
N GLY A 92 -13.52 16.62 17.09
CA GLY A 92 -12.30 16.06 16.50
C GLY A 92 -12.62 15.15 15.29
N SER A 93 -11.67 15.05 14.38
N SER A 93 -11.68 15.06 14.40
CA SER A 93 -11.70 14.05 13.25
CA SER A 93 -11.75 14.04 13.32
C SER A 93 -11.04 12.75 13.65
C SER A 93 -11.14 12.74 13.82
N HIS A 94 -11.71 11.66 13.32
CA HIS A 94 -11.24 10.31 13.66
C HIS A 94 -11.34 9.40 12.47
N THR A 95 -10.56 8.32 12.49
CA THR A 95 -10.41 7.38 11.36
C THR A 95 -10.74 5.98 11.77
N LEU A 96 -11.58 5.31 11.00
CA LEU A 96 -11.81 3.87 11.17
C LEU A 96 -11.34 3.18 9.95
N GLN A 97 -10.42 2.25 10.09
CA GLN A 97 -9.94 1.43 8.98
C GLN A 97 -10.30 0.00 9.19
N SER A 98 -10.58 -0.72 8.09
CA SER A 98 -10.85 -2.12 8.15
CA SER A 98 -11.02 -2.14 8.05
C SER A 98 -10.15 -2.82 7.04
N MET A 99 -9.65 -4.01 7.31
CA MET A 99 -9.00 -4.83 6.28
CA MET A 99 -8.88 -4.80 6.36
C MET A 99 -9.46 -6.23 6.45
N TYR A 100 -9.85 -6.89 5.37
CA TYR A 100 -10.26 -8.27 5.44
C TYR A 100 -9.99 -8.98 4.14
N GLY A 101 -9.91 -10.30 4.23
CA GLY A 101 -9.81 -11.12 3.04
C GLY A 101 -9.13 -12.41 3.31
N CYS A 102 -8.69 -13.10 2.27
CA CYS A 102 -8.29 -14.50 2.37
C CYS A 102 -6.99 -14.70 1.63
N ASP A 103 -6.28 -15.74 2.02
CA ASP A 103 -5.08 -16.22 1.38
C ASP A 103 -5.34 -17.64 0.93
N VAL A 104 -4.94 -18.01 -0.28
CA VAL A 104 -5.10 -19.38 -0.77
C VAL A 104 -3.78 -19.88 -1.29
N GLY A 105 -3.64 -21.19 -1.29
CA GLY A 105 -2.46 -21.81 -1.87
C GLY A 105 -2.62 -22.06 -3.33
N PRO A 106 -1.60 -22.69 -3.96
CA PRO A 106 -1.60 -22.93 -5.39
C PRO A 106 -2.78 -23.76 -5.84
N ASP A 107 -3.28 -24.60 -4.95
CA ASP A 107 -4.45 -25.41 -5.30
C ASP A 107 -5.77 -24.76 -5.04
N GLY A 108 -5.78 -23.49 -4.65
CA GLY A 108 -6.98 -22.81 -4.39
C GLY A 108 -7.55 -23.01 -3.00
N ARG A 109 -6.91 -23.82 -2.14
CA ARG A 109 -7.43 -24.01 -0.79
C ARG A 109 -7.11 -22.87 0.18
N LEU A 110 -8.04 -22.54 1.05
CA LEU A 110 -7.85 -21.53 2.06
C LEU A 110 -6.62 -21.80 2.95
N LEU A 111 -5.75 -20.82 3.09
CA LEU A 111 -4.62 -20.84 4.02
C LEU A 111 -4.96 -20.14 5.27
N ARG A 112 -5.56 -18.97 5.16
CA ARG A 112 -6.06 -18.28 6.27
C ARG A 112 -6.90 -17.11 5.88
N GLY A 113 -7.73 -16.68 6.81
CA GLY A 113 -8.55 -15.50 6.64
C GLY A 113 -8.22 -14.41 7.61
N HIS A 114 -8.65 -13.20 7.29
CA HIS A 114 -8.36 -12.04 8.04
C HIS A 114 -9.56 -11.13 8.10
N ASN A 115 -9.79 -10.49 9.26
CA ASN A 115 -10.84 -9.49 9.37
C ASN A 115 -10.53 -8.60 10.57
N GLN A 116 -10.01 -7.42 10.37
CA GLN A 116 -9.56 -6.62 11.48
C GLN A 116 -9.78 -5.15 11.27
N TYR A 117 -9.72 -4.40 12.37
CA TYR A 117 -10.05 -3.01 12.43
C TYR A 117 -9.06 -2.22 13.22
N ALA A 118 -8.93 -0.94 12.85
CA ALA A 118 -8.07 0.01 13.58
C ALA A 118 -8.83 1.32 13.75
N TYR A 119 -8.63 1.97 14.89
CA TYR A 119 -9.25 3.27 15.18
C TYR A 119 -8.14 4.24 15.42
N ASP A 120 -8.11 5.34 14.67
CA ASP A 120 -7.05 6.33 14.75
C ASP A 120 -5.67 5.76 14.58
N GLY A 121 -5.62 4.75 13.71
CA GLY A 121 -4.32 4.17 13.36
C GLY A 121 -3.81 3.07 14.26
N LYS A 122 -4.60 2.75 15.28
CA LYS A 122 -4.23 1.74 16.30
C LYS A 122 -5.16 0.55 16.20
N ASP A 123 -4.56 -0.66 16.26
CA ASP A 123 -5.34 -1.87 16.27
C ASP A 123 -6.40 -1.82 17.30
N TYR A 124 -7.59 -2.19 16.87
CA TYR A 124 -8.82 -2.12 17.74
C TYR A 124 -9.38 -3.49 18.05
N ILE A 125 -9.74 -4.22 17.03
CA ILE A 125 -10.23 -5.59 17.20
C ILE A 125 -9.88 -6.41 15.97
N ALA A 126 -9.68 -7.70 16.13
CA ALA A 126 -9.31 -8.61 15.04
C ALA A 126 -9.98 -9.91 15.26
N LEU A 127 -10.44 -10.53 14.16
CA LEU A 127 -10.85 -11.92 14.14
C LEU A 127 -9.63 -12.79 14.25
N ASN A 128 -9.65 -13.72 15.17
CA ASN A 128 -8.54 -14.65 15.35
C ASN A 128 -8.42 -15.59 14.19
N GLU A 129 -7.28 -16.26 14.06
CA GLU A 129 -7.02 -17.20 12.93
C GLU A 129 -8.08 -18.32 12.87
N ASP A 130 -8.67 -18.68 14.01
CA ASP A 130 -9.71 -19.72 14.02
C ASP A 130 -11.02 -19.30 13.33
N LEU A 131 -11.15 -18.02 13.06
CA LEU A 131 -12.36 -17.45 12.44
C LEU A 131 -13.54 -17.63 13.35
N ARG A 132 -13.37 -17.74 14.67
CA ARG A 132 -14.47 -17.98 15.59
C ARG A 132 -14.48 -16.99 16.74
N SER A 133 -13.35 -16.45 17.09
CA SER A 133 -13.15 -15.66 18.32
C SER A 133 -12.44 -14.38 17.97
N TRP A 134 -12.48 -13.42 18.86
CA TRP A 134 -11.95 -12.10 18.67
C TRP A 134 -10.85 -11.79 19.65
N THR A 135 -9.93 -10.92 19.20
CA THR A 135 -8.99 -10.26 20.13
C THR A 135 -9.22 -8.80 20.18
N ALA A 136 -9.54 -8.25 21.34
CA ALA A 136 -9.86 -6.83 21.55
C ALA A 136 -8.64 -6.14 22.15
N ALA A 137 -8.30 -4.93 21.72
CA ALA A 137 -7.07 -4.25 22.17
C ALA A 137 -7.22 -3.58 23.49
N ASP A 138 -8.43 -3.24 23.92
CA ASP A 138 -8.64 -2.42 25.12
C ASP A 138 -10.07 -2.50 25.57
N THR A 139 -10.48 -1.78 26.62
CA THR A 139 -11.79 -1.96 27.18
C THR A 139 -12.88 -1.43 26.24
N ALA A 140 -12.61 -0.49 25.36
CA ALA A 140 -13.55 -0.05 24.36
C ALA A 140 -13.82 -1.19 23.39
N ALA A 141 -12.79 -1.80 22.86
CA ALA A 141 -12.93 -2.94 21.95
C ALA A 141 -13.61 -4.12 22.58
N GLN A 142 -13.50 -4.27 23.90
CA GLN A 142 -14.22 -5.33 24.59
C GLN A 142 -15.73 -5.12 24.50
N ILE A 143 -16.18 -3.86 24.39
CA ILE A 143 -17.65 -3.60 24.14
C ILE A 143 -18.05 -4.14 22.78
N THR A 144 -17.27 -3.78 21.77
CA THR A 144 -17.53 -4.30 20.45
C THR A 144 -17.51 -5.83 20.49
N GLN A 145 -16.50 -6.41 21.15
N GLN A 145 -16.51 -6.43 21.14
CA GLN A 145 -16.40 -7.84 21.19
CA GLN A 145 -16.42 -7.90 21.21
C GLN A 145 -17.66 -8.44 21.81
C GLN A 145 -17.68 -8.50 21.87
N ARG A 146 -18.13 -7.92 22.95
CA ARG A 146 -19.31 -8.48 23.59
CA ARG A 146 -19.42 -8.37 23.63
C ARG A 146 -20.55 -8.41 22.64
N LYS A 147 -20.68 -7.28 21.90
CA LYS A 147 -21.79 -7.14 20.98
C LYS A 147 -21.67 -8.12 19.84
N TRP A 148 -20.48 -8.33 19.34
CA TRP A 148 -20.30 -9.25 18.21
C TRP A 148 -20.40 -10.71 18.63
N GLU A 149 -20.03 -11.02 19.85
CA GLU A 149 -20.25 -12.37 20.42
C GLU A 149 -21.73 -12.62 20.53
N ALA A 150 -22.47 -11.65 21.08
CA ALA A 150 -23.89 -11.86 21.30
C ALA A 150 -24.61 -12.10 19.96
N ALA A 151 -24.19 -11.40 18.94
CA ALA A 151 -24.77 -11.51 17.64
C ALA A 151 -24.20 -12.62 16.75
N ARG A 152 -23.23 -13.34 17.27
CA ARG A 152 -22.56 -14.38 16.45
C ARG A 152 -22.04 -13.88 15.09
N VAL A 153 -21.48 -12.68 15.08
CA VAL A 153 -20.91 -12.05 13.93
C VAL A 153 -19.81 -12.87 13.31
N ALA A 154 -18.99 -13.50 14.13
CA ALA A 154 -17.84 -14.25 13.55
C ALA A 154 -18.29 -15.36 12.65
N GLU A 155 -19.46 -15.95 12.90
CA GLU A 155 -20.00 -16.99 12.02
C GLU A 155 -20.23 -16.52 10.55
N GLN A 156 -20.73 -15.30 10.42
CA GLN A 156 -20.95 -14.69 9.12
C GLN A 156 -19.61 -14.40 8.52
N ASP A 157 -18.66 -13.92 9.30
CA ASP A 157 -17.35 -13.61 8.78
C ASP A 157 -16.62 -14.89 8.30
N ARG A 158 -16.70 -15.96 9.08
CA ARG A 158 -16.15 -17.24 8.66
C ARG A 158 -16.75 -17.67 7.36
N ALA A 159 -18.08 -17.62 7.25
CA ALA A 159 -18.73 -18.04 6.01
C ALA A 159 -18.28 -17.28 4.79
N TYR A 160 -18.18 -15.97 4.94
CA TYR A 160 -17.63 -15.14 3.86
C TYR A 160 -16.21 -15.57 3.48
N LEU A 161 -15.33 -15.69 4.47
CA LEU A 161 -13.90 -15.94 4.18
C LEU A 161 -13.69 -17.30 3.59
N GLU A 162 -14.43 -18.31 4.06
CA GLU A 162 -14.25 -19.67 3.56
C GLU A 162 -14.97 -19.94 2.25
N GLY A 163 -16.00 -19.15 1.97
CA GLY A 163 -16.86 -19.38 0.80
C GLY A 163 -16.63 -18.32 -0.26
N THR A 164 -17.34 -17.23 -0.14
CA THR A 164 -17.34 -16.13 -1.09
C THR A 164 -15.97 -15.69 -1.41
N CYS A 165 -15.13 -15.40 -0.41
CA CYS A 165 -13.88 -14.78 -0.67
C CYS A 165 -12.97 -15.71 -1.49
N VAL A 166 -12.87 -16.99 -1.12
CA VAL A 166 -12.05 -17.91 -1.81
C VAL A 166 -12.60 -18.14 -3.22
N GLU A 167 -13.91 -18.30 -3.38
CA GLU A 167 -14.48 -18.56 -4.68
C GLU A 167 -14.26 -17.43 -5.64
N TRP A 168 -14.43 -16.20 -5.21
CA TRP A 168 -14.21 -15.06 -6.10
C TRP A 168 -12.72 -14.85 -6.37
N LEU A 169 -11.86 -15.03 -5.36
CA LEU A 169 -10.42 -15.00 -5.63
C LEU A 169 -10.04 -15.98 -6.70
N ARG A 170 -10.50 -17.21 -6.60
CA ARG A 170 -10.19 -18.21 -7.62
C ARG A 170 -10.65 -17.77 -8.99
N ARG A 171 -11.84 -17.15 -9.09
CA ARG A 171 -12.33 -16.62 -10.39
C ARG A 171 -11.44 -15.51 -10.93
N TYR A 172 -11.04 -14.60 -10.05
CA TYR A 172 -10.20 -13.49 -10.47
C TYR A 172 -8.85 -14.02 -10.99
N LEU A 173 -8.29 -14.98 -10.29
CA LEU A 173 -7.00 -15.55 -10.70
C LEU A 173 -7.11 -16.19 -12.06
N GLU A 174 -8.23 -16.86 -12.33
CA GLU A 174 -8.41 -17.45 -13.65
C GLU A 174 -8.54 -16.36 -14.69
N ASN A 175 -9.40 -15.39 -14.47
CA ASN A 175 -9.64 -14.34 -15.46
C ASN A 175 -8.43 -13.42 -15.69
N GLY A 176 -7.68 -13.18 -14.63
CA GLY A 176 -6.48 -12.34 -14.67
C GLY A 176 -5.21 -13.18 -14.79
N LYS A 177 -5.26 -14.41 -15.22
CA LYS A 177 -4.11 -15.33 -15.11
C LYS A 177 -2.86 -14.76 -15.80
N ASP A 178 -3.02 -14.07 -16.91
CA ASP A 178 -1.83 -13.63 -17.66
C ASP A 178 -0.98 -12.62 -16.87
N THR A 179 -1.55 -11.92 -15.94
CA THR A 179 -0.83 -10.97 -15.12
C THR A 179 -0.76 -11.40 -13.69
N LEU A 180 -1.86 -11.81 -13.08
CA LEU A 180 -1.84 -12.20 -11.69
C LEU A 180 -1.01 -13.42 -11.43
N GLU A 181 -0.83 -14.31 -12.37
CA GLU A 181 0.00 -15.50 -12.19
C GLU A 181 1.37 -15.40 -12.82
N ARG A 182 1.77 -14.17 -13.19
CA ARG A 182 3.05 -13.92 -13.80
C ARG A 182 3.95 -13.07 -12.91
N ALA A 183 5.06 -13.67 -12.55
CA ALA A 183 6.11 -12.97 -11.81
C ALA A 183 7.09 -12.38 -12.79
N ASP A 184 7.34 -11.10 -12.65
CA ASP A 184 8.30 -10.41 -13.50
C ASP A 184 9.58 -10.17 -12.65
N PRO A 185 10.68 -10.77 -13.08
CA PRO A 185 11.87 -10.65 -12.25
C PRO A 185 12.47 -9.25 -12.31
N PRO A 186 13.28 -8.90 -11.30
CA PRO A 186 13.94 -7.63 -11.30
C PRO A 186 15.02 -7.57 -12.35
N LYS A 187 15.13 -6.42 -12.96
CA LYS A 187 16.29 -6.00 -13.73
C LYS A 187 17.23 -5.33 -12.75
N THR A 188 18.46 -5.77 -12.72
CA THR A 188 19.45 -5.40 -11.65
C THR A 188 20.71 -4.82 -12.21
N HIS A 189 21.26 -3.86 -11.45
CA HIS A 189 22.58 -3.35 -11.76
C HIS A 189 23.13 -2.73 -10.51
N VAL A 190 24.43 -2.47 -10.54
CA VAL A 190 25.13 -1.80 -9.42
C VAL A 190 25.79 -0.52 -9.92
N THR A 191 25.55 0.57 -9.21
CA THR A 191 26.18 1.84 -9.51
C THR A 191 27.17 2.23 -8.41
N HIS A 192 28.11 3.07 -8.80
CA HIS A 192 29.20 3.47 -7.96
C HIS A 192 29.21 5.00 -7.91
N HIS A 193 29.31 5.57 -6.71
CA HIS A 193 29.18 7.05 -6.56
C HIS A 193 30.28 7.44 -5.54
N PRO A 194 31.45 7.94 -5.98
CA PRO A 194 32.46 8.46 -5.08
C PRO A 194 31.85 9.57 -4.14
N ILE A 195 32.16 9.47 -2.88
CA ILE A 195 31.77 10.41 -1.81
C ILE A 195 32.93 11.32 -1.51
N SER A 196 34.12 10.79 -1.46
CA SER A 196 35.34 11.51 -1.06
C SER A 196 36.51 10.76 -1.64
N ASP A 197 37.72 11.19 -1.45
CA ASP A 197 38.90 10.46 -1.88
C ASP A 197 38.97 9.07 -1.26
N HIS A 198 38.31 8.85 -0.14
CA HIS A 198 38.60 7.56 0.48
CA HIS A 198 38.51 7.73 0.78
C HIS A 198 37.40 6.66 0.61
N GLU A 199 36.24 7.08 0.14
CA GLU A 199 35.01 6.23 0.20
C GLU A 199 34.14 6.50 -0.99
N ALA A 200 33.32 5.50 -1.29
CA ALA A 200 32.31 5.60 -2.33
C ALA A 200 31.04 4.85 -1.94
N THR A 201 29.93 5.16 -2.58
CA THR A 201 28.66 4.41 -2.42
C THR A 201 28.50 3.41 -3.52
N LEU A 202 28.21 2.16 -3.14
CA LEU A 202 27.74 1.14 -4.09
C LEU A 202 26.25 1.00 -3.84
N ARG A 203 25.49 1.12 -4.93
CA ARG A 203 24.00 1.05 -4.86
C ARG A 203 23.57 -0.07 -5.79
N CYS A 204 22.86 -1.04 -5.23
CA CYS A 204 22.29 -2.17 -5.94
CA CYS A 204 22.33 -2.07 -6.07
C CYS A 204 20.83 -1.88 -6.25
N TRP A 205 20.50 -1.90 -7.53
CA TRP A 205 19.16 -1.54 -8.04
C TRP A 205 18.44 -2.79 -8.49
N ALA A 206 17.13 -2.77 -8.18
CA ALA A 206 16.16 -3.75 -8.71
C ALA A 206 14.99 -2.95 -9.29
N LEU A 207 14.69 -3.21 -10.53
CA LEU A 207 13.69 -2.45 -11.27
C LEU A 207 12.78 -3.42 -12.01
N GLY A 208 11.51 -3.01 -12.12
CA GLY A 208 10.63 -3.66 -13.05
C GLY A 208 10.03 -5.02 -12.56
N PHE A 209 10.03 -5.25 -11.26
CA PHE A 209 9.63 -6.55 -10.71
C PHE A 209 8.19 -6.54 -10.20
N TYR A 210 7.60 -7.73 -10.23
CA TYR A 210 6.25 -7.98 -9.67
C TYR A 210 6.27 -9.45 -9.24
N PRO A 211 5.73 -9.77 -8.06
CA PRO A 211 5.14 -8.89 -7.09
C PRO A 211 6.17 -8.07 -6.31
N ALA A 212 5.72 -7.30 -5.32
CA ALA A 212 6.58 -6.38 -4.62
C ALA A 212 7.61 -7.02 -3.68
N GLU A 213 7.33 -8.16 -3.14
CA GLU A 213 8.23 -8.86 -2.22
C GLU A 213 9.56 -9.10 -2.89
N ILE A 214 10.64 -8.67 -2.24
CA ILE A 214 12.01 -8.83 -2.77
C ILE A 214 12.92 -8.71 -1.60
N THR A 215 14.08 -9.34 -1.73
CA THR A 215 15.16 -9.11 -0.72
C THR A 215 16.43 -8.68 -1.47
N LEU A 216 16.98 -7.56 -1.04
CA LEU A 216 18.25 -7.04 -1.53
C LEU A 216 19.15 -6.92 -0.36
N THR A 217 20.31 -7.55 -0.45
CA THR A 217 21.25 -7.46 0.69
C THR A 217 22.58 -7.20 0.06
N TRP A 218 23.47 -6.49 0.85
CA TRP A 218 24.89 -6.46 0.56
C TRP A 218 25.69 -7.33 1.50
N GLN A 219 26.73 -7.97 0.98
CA GLN A 219 27.70 -8.73 1.79
C GLN A 219 29.08 -8.12 1.60
N ARG A 220 29.85 -8.15 2.65
CA ARG A 220 31.29 -7.82 2.62
C ARG A 220 32.00 -9.10 3.02
N ASP A 221 32.84 -9.59 2.13
CA ASP A 221 33.60 -10.85 2.43
C ASP A 221 32.59 -11.94 2.86
N GLY A 222 31.43 -11.90 2.26
CA GLY A 222 30.42 -12.95 2.47
C GLY A 222 29.58 -12.78 3.73
N GLU A 223 29.76 -11.69 4.46
CA GLU A 223 29.03 -11.45 5.69
C GLU A 223 28.00 -10.37 5.47
N ASP A 224 26.75 -10.60 5.82
CA ASP A 224 25.73 -9.59 5.59
C ASP A 224 26.01 -8.28 6.34
N GLN A 225 25.78 -7.17 5.66
CA GLN A 225 26.02 -5.83 6.11
C GLN A 225 24.75 -5.14 6.57
N THR A 226 24.00 -5.80 7.38
CA THR A 226 22.70 -5.23 7.78
C THR A 226 22.72 -3.82 8.37
N GLN A 227 23.50 -3.59 9.43
CA GLN A 227 23.55 -2.26 10.05
C GLN A 227 24.12 -1.19 9.16
N ASP A 228 24.92 -1.56 8.16
CA ASP A 228 25.57 -0.56 7.34
C ASP A 228 24.90 -0.35 5.97
N THR A 229 23.81 -1.05 5.71
CA THR A 229 23.12 -0.94 4.43
C THR A 229 21.92 0.04 4.55
N GLU A 230 21.83 0.94 3.60
CA GLU A 230 20.68 1.82 3.52
C GLU A 230 19.75 1.19 2.53
N LEU A 231 18.53 0.92 2.96
CA LEU A 231 17.49 0.38 2.08
C LEU A 231 16.45 1.50 1.86
N VAL A 232 15.91 1.59 0.69
CA VAL A 232 14.69 2.41 0.57
C VAL A 232 13.49 1.43 0.56
N GLU A 233 12.33 1.91 0.98
CA GLU A 233 11.09 1.16 0.89
C GLU A 233 10.83 0.80 -0.55
N THR A 234 10.34 -0.39 -0.83
CA THR A 234 9.92 -0.80 -2.14
C THR A 234 8.86 0.19 -2.62
N ARG A 235 8.93 0.62 -3.86
CA ARG A 235 8.07 1.72 -4.37
C ARG A 235 7.49 1.35 -5.70
N PRO A 236 6.26 1.80 -5.98
CA PRO A 236 5.66 1.49 -7.24
C PRO A 236 6.16 2.30 -8.41
N ALA A 237 6.35 1.68 -9.58
CA ALA A 237 6.73 2.45 -10.75
C ALA A 237 5.59 3.11 -11.42
N GLY A 238 4.36 2.63 -11.23
CA GLY A 238 3.15 3.14 -11.94
C GLY A 238 2.77 2.30 -13.14
N ASP A 239 3.54 1.29 -13.52
CA ASP A 239 3.21 0.33 -14.65
C ASP A 239 2.97 -1.13 -14.10
N ARG A 240 2.55 -1.24 -12.85
CA ARG A 240 2.30 -2.46 -12.10
C ARG A 240 3.55 -2.92 -11.35
N THR A 241 4.71 -2.54 -11.80
CA THR A 241 5.96 -3.08 -11.22
C THR A 241 6.45 -2.22 -10.10
N PHE A 242 7.49 -2.70 -9.44
CA PHE A 242 8.07 -2.09 -8.30
C PHE A 242 9.60 -1.88 -8.51
N GLN A 243 10.13 -1.04 -7.63
CA GLN A 243 11.54 -0.65 -7.63
C GLN A 243 12.05 -0.69 -6.17
N LYS A 244 13.38 -0.95 -6.07
CA LYS A 244 14.05 -0.89 -4.74
C LYS A 244 15.54 -0.76 -4.99
N TRP A 245 16.18 -0.13 -4.04
CA TRP A 245 17.66 -0.15 -3.99
C TRP A 245 18.16 -0.33 -2.57
N ALA A 246 19.41 -0.78 -2.52
CA ALA A 246 20.17 -0.96 -1.28
C ALA A 246 21.58 -0.41 -1.50
N ALA A 247 22.07 0.36 -0.54
CA ALA A 247 23.41 1.00 -0.70
C ALA A 247 24.28 0.76 0.49
N VAL A 248 25.58 0.74 0.20
CA VAL A 248 26.57 0.67 1.22
CA VAL A 248 26.67 0.57 1.19
C VAL A 248 27.74 1.59 0.87
N VAL A 249 28.38 2.10 1.92
CA VAL A 249 29.55 2.98 1.78
C VAL A 249 30.76 2.14 1.96
N VAL A 250 31.67 2.20 1.01
CA VAL A 250 32.82 1.28 0.98
C VAL A 250 34.11 2.02 0.88
N PRO A 251 35.18 1.47 1.42
CA PRO A 251 36.49 2.16 1.32
C PRO A 251 36.96 2.07 -0.13
N SER A 252 37.51 3.17 -0.64
CA SER A 252 38.15 3.14 -1.96
C SER A 252 39.09 1.97 -2.13
N GLY A 253 38.92 1.24 -3.24
CA GLY A 253 39.78 0.11 -3.55
C GLY A 253 39.27 -1.21 -3.02
N GLU A 254 38.21 -1.20 -2.23
CA GLU A 254 37.72 -2.42 -1.59
C GLU A 254 36.44 -2.90 -2.25
N GLU A 255 36.06 -2.29 -3.36
CA GLU A 255 34.75 -2.61 -4.01
C GLU A 255 34.51 -4.07 -4.34
N GLN A 256 35.54 -4.79 -4.70
CA GLN A 256 35.37 -6.15 -5.11
C GLN A 256 35.11 -7.10 -3.96
N ARG A 257 35.24 -6.61 -2.73
CA ARG A 257 34.83 -7.44 -1.57
C ARG A 257 33.37 -7.46 -1.26
N TYR A 258 32.61 -6.62 -2.01
CA TYR A 258 31.19 -6.43 -1.74
C TYR A 258 30.33 -7.09 -2.85
N THR A 259 29.31 -7.82 -2.41
CA THR A 259 28.38 -8.46 -3.37
C THR A 259 26.95 -8.14 -2.99
N CYS A 260 26.11 -7.87 -3.98
CA CYS A 260 24.67 -7.64 -3.77
C CYS A 260 23.96 -8.94 -4.14
N HIS A 261 23.03 -9.33 -3.29
CA HIS A 261 22.26 -10.55 -3.39
C HIS A 261 20.80 -10.22 -3.50
N VAL A 262 20.22 -10.77 -4.56
CA VAL A 262 18.82 -10.46 -4.90
C VAL A 262 18.01 -11.72 -4.90
N GLN A 263 16.92 -11.67 -4.13
CA GLN A 263 15.94 -12.79 -4.10
C GLN A 263 14.57 -12.30 -4.53
N HIS A 264 13.96 -13.01 -5.45
CA HIS A 264 12.60 -12.66 -5.92
C HIS A 264 11.96 -13.89 -6.52
N GLU A 265 10.65 -14.01 -6.38
N GLU A 265 10.61 -13.97 -6.37
CA GLU A 265 9.97 -15.22 -6.82
CA GLU A 265 9.69 -15.01 -6.96
C GLU A 265 10.01 -15.40 -8.36
C GLU A 265 10.09 -15.38 -8.35
N GLY A 266 10.31 -14.34 -9.11
CA GLY A 266 10.54 -14.40 -10.55
C GLY A 266 11.90 -14.95 -10.98
N LEU A 267 12.80 -15.14 -10.03
CA LEU A 267 14.15 -15.60 -10.29
C LEU A 267 14.22 -17.10 -9.98
N PRO A 268 14.65 -17.97 -10.94
CA PRO A 268 14.90 -19.39 -10.63
C PRO A 268 15.95 -19.56 -9.52
N LYS A 269 16.94 -18.68 -9.54
CA LYS A 269 17.97 -18.74 -8.57
C LYS A 269 18.28 -17.33 -8.16
N PRO A 270 18.56 -17.14 -6.86
CA PRO A 270 19.06 -15.80 -6.43
C PRO A 270 20.28 -15.31 -7.22
N LEU A 271 20.35 -13.98 -7.43
CA LEU A 271 21.39 -13.34 -8.20
C LEU A 271 22.44 -12.81 -7.19
N THR A 272 23.70 -12.89 -7.60
CA THR A 272 24.84 -12.22 -6.97
C THR A 272 25.39 -11.22 -7.99
N LEU A 273 25.50 -9.96 -7.61
CA LEU A 273 26.04 -8.92 -8.47
C LEU A 273 27.24 -8.24 -7.80
N ARG A 274 28.09 -7.64 -8.61
CA ARG A 274 29.16 -6.82 -8.10
C ARG A 274 29.23 -5.57 -8.99
N TRP A 275 29.93 -4.56 -8.47
CA TRP A 275 30.24 -3.40 -9.31
C TRP A 275 31.12 -3.78 -10.44
N GLU A 276 30.73 -3.41 -11.67
CA GLU A 276 31.47 -3.74 -12.88
C GLU A 276 31.98 -2.44 -13.45
N PRO A 277 33.18 -2.06 -13.08
CA PRO A 277 33.69 -0.82 -13.68
C PRO A 277 33.98 -1.02 -15.18
N SER A 278 33.63 -0.03 -16.01
CA SER A 278 34.05 0.00 -17.42
C SER A 278 34.93 1.23 -17.67
N MET B 1 -3.48 12.54 20.19
CA MET B 1 -3.53 11.38 19.26
C MET B 1 -2.16 11.17 18.61
N ILE B 2 -1.86 9.89 18.36
CA ILE B 2 -0.58 9.49 17.76
C ILE B 2 -0.62 9.59 16.24
N GLN B 3 0.27 10.41 15.70
CA GLN B 3 0.34 10.66 14.27
C GLN B 3 1.67 10.10 13.70
N ARG B 4 1.71 9.88 12.40
CA ARG B 4 2.92 9.38 11.73
C ARG B 4 3.21 10.27 10.52
N THR B 5 4.47 10.73 10.40
CA THR B 5 4.86 11.66 9.35
C THR B 5 5.17 10.90 8.04
N PRO B 6 4.93 11.48 6.90
CA PRO B 6 5.14 10.74 5.64
C PRO B 6 6.63 10.58 5.31
N LYS B 7 6.95 9.40 4.79
CA LYS B 7 8.18 9.15 4.03
C LYS B 7 7.86 9.58 2.61
N ILE B 8 8.86 10.08 1.91
CA ILE B 8 8.69 10.65 0.59
C ILE B 8 9.83 10.19 -0.28
N GLN B 9 9.47 9.62 -1.42
CA GLN B 9 10.47 9.31 -2.46
C GLN B 9 10.06 9.96 -3.75
N VAL B 10 11.03 10.53 -4.50
CA VAL B 10 10.75 11.17 -5.79
C VAL B 10 11.66 10.49 -6.80
N TYR B 11 11.06 10.03 -7.91
CA TYR B 11 11.77 9.15 -8.82
C TYR B 11 11.04 9.04 -10.11
N SER B 12 11.61 8.44 -11.12
CA SER B 12 10.92 8.21 -12.41
C SER B 12 10.54 6.77 -12.63
N ARG B 13 9.53 6.60 -13.48
CA ARG B 13 9.05 5.25 -13.79
C ARG B 13 10.12 4.47 -14.48
N HIS B 14 10.73 5.11 -15.50
CA HIS B 14 11.76 4.53 -16.33
C HIS B 14 13.06 5.22 -16.05
N PRO B 15 14.21 4.57 -16.36
CA PRO B 15 15.46 5.30 -16.15
C PRO B 15 15.47 6.58 -16.97
N ALA B 16 15.93 7.67 -16.38
CA ALA B 16 15.79 8.94 -17.04
C ALA B 16 16.77 9.10 -18.20
N GLU B 17 16.28 9.64 -19.32
CA GLU B 17 17.13 9.93 -20.46
C GLU B 17 16.69 11.31 -20.93
N ASN B 18 17.62 12.27 -21.01
CA ASN B 18 17.22 13.60 -21.34
C ASN B 18 16.50 13.60 -22.70
N GLY B 19 15.42 14.34 -22.73
CA GLY B 19 14.60 14.47 -23.89
C GLY B 19 13.70 13.30 -24.20
N LYS B 20 13.66 12.24 -23.39
CA LYS B 20 12.73 11.16 -23.60
C LYS B 20 11.54 11.20 -22.58
N SER B 21 10.30 11.09 -23.07
CA SER B 21 9.08 11.17 -22.23
C SER B 21 9.13 10.04 -21.22
N ASN B 22 8.67 10.33 -20.00
CA ASN B 22 8.76 9.43 -18.83
C ASN B 22 7.61 9.83 -17.90
N PHE B 23 7.63 9.26 -16.69
CA PHE B 23 6.73 9.68 -15.64
C PHE B 23 7.50 10.01 -14.41
N LEU B 24 7.14 11.10 -13.76
CA LEU B 24 7.73 11.54 -12.52
C LEU B 24 6.78 11.09 -11.43
N ASN B 25 7.33 10.42 -10.42
CA ASN B 25 6.55 9.87 -9.31
C ASN B 25 6.94 10.50 -7.98
N CYS B 26 5.97 10.76 -7.13
CA CYS B 26 6.19 11.13 -5.75
C CYS B 26 5.40 10.13 -4.93
N TYR B 27 6.08 9.24 -4.25
CA TYR B 27 5.48 8.19 -3.46
C TYR B 27 5.53 8.62 -1.98
N VAL B 28 4.36 8.79 -1.37
CA VAL B 28 4.27 9.23 0.03
C VAL B 28 3.67 8.06 0.80
N SER B 29 4.32 7.70 1.87
CA SER B 29 3.91 6.46 2.59
C SER B 29 4.20 6.60 4.08
N GLY B 30 3.61 5.68 4.87
CA GLY B 30 3.90 5.61 6.29
C GLY B 30 3.23 6.65 7.13
N PHE B 31 2.22 7.34 6.59
CA PHE B 31 1.66 8.51 7.29
C PHE B 31 0.30 8.19 7.89
N HIS B 32 -0.06 8.99 8.90
CA HIS B 32 -1.37 8.86 9.55
C HIS B 32 -1.58 10.21 10.25
N PRO B 33 -2.71 10.91 10.10
CA PRO B 33 -3.89 10.55 9.40
C PRO B 33 -3.74 10.69 7.90
N SER B 34 -4.79 10.32 7.19
CA SER B 34 -4.72 10.19 5.75
C SER B 34 -4.76 11.53 4.97
N ASP B 35 -5.21 12.59 5.55
CA ASP B 35 -5.23 13.87 4.80
C ASP B 35 -3.78 14.32 4.55
N ILE B 36 -3.51 14.62 3.29
CA ILE B 36 -2.17 15.00 2.86
C ILE B 36 -2.34 15.80 1.56
N GLU B 37 -1.45 16.75 1.33
CA GLU B 37 -1.51 17.53 0.07
C GLU B 37 -0.15 17.40 -0.59
N VAL B 38 -0.17 17.05 -1.87
CA VAL B 38 1.10 16.82 -2.61
C VAL B 38 1.06 17.59 -3.89
N ASP B 39 2.11 18.39 -4.19
CA ASP B 39 2.27 19.04 -5.46
C ASP B 39 3.57 18.50 -6.12
N LEU B 40 3.56 18.32 -7.44
CA LEU B 40 4.83 18.09 -8.13
C LEU B 40 5.19 19.42 -8.73
N LEU B 41 6.51 19.71 -8.73
CA LEU B 41 7.03 21.02 -9.14
C LEU B 41 8.04 20.92 -10.28
N LYS B 42 7.93 21.83 -11.22
CA LYS B 42 8.93 21.99 -12.30
C LYS B 42 9.47 23.35 -12.15
N ASN B 43 10.79 23.44 -11.92
CA ASN B 43 11.45 24.71 -11.65
C ASN B 43 10.72 25.57 -10.61
N GLY B 44 10.30 24.89 -9.54
CA GLY B 44 9.57 25.50 -8.44
C GLY B 44 8.09 25.81 -8.60
N GLU B 45 7.51 25.59 -9.79
CA GLU B 45 6.09 25.92 -10.10
C GLU B 45 5.27 24.62 -10.14
N ARG B 46 4.03 24.69 -9.67
CA ARG B 46 3.17 23.52 -9.61
C ARG B 46 2.83 23.03 -11.01
N ILE B 47 2.99 21.72 -11.22
CA ILE B 47 2.58 21.06 -12.43
C ILE B 47 1.05 20.81 -12.26
N GLU B 48 0.28 21.18 -13.29
CA GLU B 48 -1.18 21.08 -13.23
C GLU B 48 -1.69 19.71 -13.45
N LYS B 49 -1.06 18.97 -14.30
CA LYS B 49 -1.71 17.75 -14.67
C LYS B 49 -1.05 16.68 -13.79
N VAL B 50 -1.57 16.48 -12.54
CA VAL B 50 -1.01 15.43 -11.68
C VAL B 50 -2.12 14.50 -11.25
N GLU B 51 -1.93 13.22 -11.51
CA GLU B 51 -2.86 12.18 -11.01
C GLU B 51 -2.33 11.51 -9.76
N HIS B 52 -3.20 10.81 -9.01
CA HIS B 52 -2.79 10.03 -7.91
C HIS B 52 -3.57 8.75 -7.79
N SER B 53 -2.94 7.86 -7.09
CA SER B 53 -3.55 6.54 -6.82
C SER B 53 -4.69 6.66 -5.80
N ASP B 54 -5.51 5.64 -5.68
CA ASP B 54 -6.57 5.57 -4.68
C ASP B 54 -6.03 5.28 -3.30
N LEU B 55 -6.57 5.88 -2.27
CA LEU B 55 -6.02 5.73 -0.91
C LEU B 55 -6.07 4.29 -0.43
N SER B 56 -4.90 3.83 0.00
CA SER B 56 -4.77 2.52 0.64
C SER B 56 -3.83 2.62 1.76
N PHE B 57 -3.64 1.46 2.36
CA PHE B 57 -2.78 1.43 3.57
C PHE B 57 -2.12 0.08 3.75
N SER B 58 -1.04 0.13 4.53
CA SER B 58 -0.16 -1.00 4.76
C SER B 58 -0.62 -1.79 5.97
N LYS B 59 0.09 -2.90 6.23
CA LYS B 59 -0.27 -3.78 7.35
C LYS B 59 -0.26 -3.11 8.70
N ASP B 60 0.56 -2.08 8.85
CA ASP B 60 0.67 -1.29 10.04
C ASP B 60 -0.31 -0.15 10.10
N TRP B 61 -1.27 -0.15 9.18
CA TRP B 61 -2.36 0.84 9.09
C TRP B 61 -1.95 2.20 8.52
N SER B 62 -0.70 2.37 8.21
CA SER B 62 -0.24 3.68 7.69
C SER B 62 -0.62 3.78 6.19
N PHE B 63 -0.97 4.96 5.75
CA PHE B 63 -1.43 5.19 4.41
C PHE B 63 -0.28 5.38 3.41
N TYR B 64 -0.63 5.15 2.15
CA TYR B 64 0.33 5.43 1.06
C TYR B 64 -0.48 5.87 -0.16
N LEU B 65 0.22 6.77 -0.91
CA LEU B 65 -0.31 7.29 -2.17
C LEU B 65 0.87 7.51 -3.15
N LEU B 66 0.59 7.29 -4.42
CA LEU B 66 1.50 7.66 -5.52
C LEU B 66 0.88 8.81 -6.29
N TYR B 67 1.61 9.90 -6.39
CA TYR B 67 1.31 11.02 -7.25
C TYR B 67 2.23 10.99 -8.48
N TYR B 68 1.70 11.24 -9.65
CA TYR B 68 2.50 11.05 -10.86
C TYR B 68 2.02 11.92 -11.99
N THR B 69 2.98 12.22 -12.89
CA THR B 69 2.69 13.02 -14.07
C THR B 69 3.71 12.67 -15.14
N GLU B 70 3.32 12.83 -16.41
CA GLU B 70 4.24 12.71 -17.50
C GLU B 70 5.25 13.83 -17.46
N PHE B 71 6.51 13.52 -17.78
CA PHE B 71 7.51 14.58 -17.90
C PHE B 71 8.57 14.15 -18.88
N THR B 72 9.23 15.12 -19.46
CA THR B 72 10.36 14.86 -20.31
C THR B 72 11.55 15.50 -19.67
N PRO B 73 12.43 14.70 -19.05
CA PRO B 73 13.54 15.35 -18.34
C PRO B 73 14.56 15.94 -19.26
N THR B 74 15.25 16.94 -18.74
CA THR B 74 16.31 17.64 -19.47
C THR B 74 17.46 17.87 -18.51
N GLU B 75 18.58 18.35 -19.03
CA GLU B 75 19.73 18.54 -18.17
C GLU B 75 19.47 19.61 -17.12
N LYS B 76 18.80 20.68 -17.53
CA LYS B 76 18.63 21.89 -16.75
C LYS B 76 17.37 21.94 -15.86
N ASP B 77 16.31 21.25 -16.25
CA ASP B 77 15.04 21.43 -15.55
C ASP B 77 15.08 20.70 -14.23
N GLU B 78 14.53 21.32 -13.19
CA GLU B 78 14.61 20.80 -11.82
C GLU B 78 13.20 20.35 -11.47
N TYR B 79 13.10 19.18 -10.90
CA TYR B 79 11.80 18.65 -10.50
C TYR B 79 11.82 18.34 -9.01
N ALA B 80 10.66 18.43 -8.35
CA ALA B 80 10.58 18.18 -6.92
C ALA B 80 9.14 17.81 -6.57
N CYS B 81 8.99 17.30 -5.38
CA CYS B 81 7.59 17.22 -4.87
CA CYS B 81 7.68 17.00 -4.77
C CYS B 81 7.54 17.82 -3.48
N ARG B 82 6.40 18.49 -3.25
CA ARG B 82 6.22 19.25 -2.05
C ARG B 82 5.01 18.67 -1.29
N VAL B 83 5.21 18.36 -0.02
CA VAL B 83 4.23 17.60 0.75
C VAL B 83 3.84 18.34 1.98
N ASN B 84 2.54 18.45 2.27
CA ASN B 84 2.14 18.99 3.55
C ASN B 84 1.22 17.96 4.24
N HIS B 85 1.34 17.96 5.53
CA HIS B 85 0.64 16.95 6.38
C HIS B 85 0.64 17.59 7.76
N VAL B 86 -0.30 17.18 8.60
CA VAL B 86 -0.45 17.76 9.95
C VAL B 86 0.82 17.60 10.83
N THR B 87 1.59 16.56 10.56
CA THR B 87 2.86 16.33 11.27
C THR B 87 4.02 17.26 10.94
N LEU B 88 3.85 18.05 9.88
CA LEU B 88 4.89 18.98 9.38
C LEU B 88 4.58 20.40 9.74
N SER B 89 5.57 21.12 10.24
CA SER B 89 5.31 22.49 10.58
C SER B 89 5.45 23.42 9.37
N GLN B 90 6.03 22.92 8.28
CA GLN B 90 6.01 23.62 6.99
C GLN B 90 6.09 22.55 5.91
N PRO B 91 5.62 22.86 4.69
CA PRO B 91 5.75 21.84 3.65
C PRO B 91 7.21 21.38 3.44
N LYS B 92 7.33 20.08 3.19
CA LYS B 92 8.59 19.46 2.91
C LYS B 92 8.73 19.32 1.38
N ILE B 93 9.87 19.75 0.86
CA ILE B 93 10.20 19.65 -0.54
C ILE B 93 11.32 18.62 -0.65
N VAL B 94 11.11 17.64 -1.51
CA VAL B 94 12.12 16.64 -1.88
C VAL B 94 12.41 16.78 -3.36
N LYS B 95 13.67 17.09 -3.69
CA LYS B 95 14.08 17.26 -5.08
C LYS B 95 14.30 15.91 -5.74
N TRP B 96 13.96 15.84 -7.01
CA TRP B 96 14.29 14.64 -7.84
C TRP B 96 15.77 14.56 -8.12
N ASP B 97 16.33 13.43 -7.69
CA ASP B 97 17.73 13.10 -7.97
C ASP B 97 17.68 11.87 -8.82
N ARG B 98 18.06 11.97 -10.09
CA ARG B 98 17.90 10.85 -11.01
C ARG B 98 18.64 9.58 -10.60
N ASP B 99 19.58 9.72 -9.66
CA ASP B 99 20.36 8.58 -9.13
C ASP B 99 19.72 7.90 -7.96
N MET B 100 18.51 8.32 -7.56
CA MET B 100 17.90 7.82 -6.29
C MET B 100 16.48 7.21 -6.42
N THR C 1 -15.09 -9.99 -4.49
CA THR C 1 -16.40 -9.34 -4.19
C THR C 1 -16.48 -9.03 -2.68
N PRO C 2 -16.96 -7.85 -2.23
CA PRO C 2 -16.89 -7.49 -0.82
C PRO C 2 -17.93 -8.24 -0.01
N GLN C 3 -17.73 -8.23 1.32
CA GLN C 3 -18.68 -8.83 2.23
C GLN C 3 -19.91 -7.96 2.46
N ASP C 4 -21.07 -8.54 2.44
CA ASP C 4 -22.34 -7.88 2.67
C ASP C 4 -22.70 -8.04 4.19
N LEU C 5 -23.60 -7.18 4.66
CA LEU C 5 -24.32 -7.31 5.97
C LEU C 5 -23.38 -7.18 7.20
N ASN C 6 -22.30 -6.46 7.10
CA ASN C 6 -21.53 -6.20 8.26
C ASN C 6 -22.23 -5.35 9.29
N THR C 7 -21.80 -5.45 10.55
CA THR C 7 -22.43 -4.93 11.76
C THR C 7 -21.55 -3.77 12.26
N MET C 8 -22.17 -2.79 12.91
N MET C 8 -22.18 -2.79 12.90
CA MET C 8 -21.42 -1.67 13.51
CA MET C 8 -21.45 -1.66 13.51
C MET C 8 -20.58 -2.15 14.68
C MET C 8 -20.58 -2.14 14.68
N LEU C 9 -19.49 -1.42 14.92
CA LEU C 9 -18.64 -1.64 16.06
C LEU C 9 -19.28 -1.09 17.31
C1 EDO D . 19.17 -9.03 -14.30
O1 EDO D . 18.53 -8.94 -13.03
C2 EDO D . 19.90 -7.80 -14.76
O2 EDO D . 18.99 -6.98 -15.46
C1 EDO E . -7.74 1.41 19.06
O1 EDO E . -8.17 2.76 19.30
C2 EDO E . -6.50 1.17 19.88
O2 EDO E . -6.98 0.19 20.72
C1 EDO F . 2.90 -13.68 -9.19
O1 EDO F . 2.86 -15.08 -9.57
C2 EDO F . 2.73 -13.64 -7.66
O2 EDO F . 1.93 -12.57 -7.01
C1 EDO G . -18.48 -6.54 11.41
O1 EDO G . -19.70 -7.13 11.09
C2 EDO G . -17.51 -7.58 12.04
O2 EDO G . -17.11 -8.56 11.12
C1 EDO H . 25.80 -4.02 -12.88
O1 EDO H . 26.01 -2.66 -12.89
C2 EDO H . 26.21 -4.69 -11.58
O2 EDO H . 26.66 -6.05 -11.71
C1 EDO I . 14.32 4.74 -12.70
O1 EDO I . 14.95 3.57 -13.25
C2 EDO I . 14.21 4.62 -11.21
O2 EDO I . 13.65 5.83 -10.68
C1 EDO J . 7.78 18.05 -19.93
O1 EDO J . 7.65 16.84 -20.67
C2 EDO J . 8.35 17.96 -18.51
O2 EDO J . 7.84 19.07 -17.77
#